data_6P06
#
_entry.id   6P06
#
_cell.length_a   58.710
_cell.length_b   97.950
_cell.length_c   100.700
_cell.angle_alpha   90.00
_cell.angle_beta   90.00
_cell.angle_gamma   90.00
#
_symmetry.space_group_name_H-M   'P 21 21 21'
#
loop_
_entity.id
_entity.type
_entity.pdbx_description
1 polymer 'Kanamycin nucleotidyltransferase'
2 non-polymer NEOMYCIN
3 non-polymer 'DIPHOSPHOMETHYLPHOSPHONIC ACID ADENOSYL ESTER'
4 non-polymer 'CALCIUM ION'
5 water water
#
_entity_poly.entity_id   1
_entity_poly.type   'polypeptide(L)'
_entity_poly.pdbx_seq_one_letter_code
;GSHMNGPIIMTREERMKIVHEIKERILDKYGDDVKAIGVYGSLGRQTDGPYSDIDMMCVMSTEEAEFSHEWTTGEWKVEV
NFDSEEILLDYASQVESDWPLTHGQFFSILPIYDSGGYLEKVYQTAKSVEAQKFHDAICALIVEELFEYAGKWRNIRVQG
PTTFLPSLTVQVAMAGAMLIGLHHRICYTTSASVLTEAVKQSDLPSGYDHLCQFVMSGQLSDSEKLLESLENFWNGIQEW
TERHGYIVDVSKRIPF
;
_entity_poly.pdbx_strand_id   A,B
#
loop_
_chem_comp.id
_chem_comp.type
_chem_comp.name
_chem_comp.formula
APC non-polymer 'DIPHOSPHOMETHYLPHOSPHONIC ACID ADENOSYL ESTER' 'C11 H18 N5 O12 P3'
CA non-polymer 'CALCIUM ION' 'Ca 2'
NMY non-polymer NEOMYCIN 'C23 H46 N6 O13'
#
# COMPACT_ATOMS: atom_id res chain seq x y z
N MET A 4 -5.91 -25.39 6.53
CA MET A 4 -5.41 -25.29 5.16
C MET A 4 -3.88 -25.41 5.14
N ASN A 5 -3.36 -26.10 4.14
CA ASN A 5 -1.93 -26.39 4.01
C ASN A 5 -1.19 -25.35 3.18
N GLY A 6 -1.80 -24.19 2.95
CA GLY A 6 -1.23 -23.14 2.13
C GLY A 6 -1.50 -23.42 0.68
N PRO A 7 -0.96 -22.60 -0.22
CA PRO A 7 -1.13 -22.83 -1.67
C PRO A 7 -0.47 -24.13 -2.10
N ILE A 8 -1.17 -24.90 -2.92
CA ILE A 8 -0.64 -26.17 -3.44
C ILE A 8 -0.14 -25.96 -4.87
N ILE A 9 0.62 -26.93 -5.37
CA ILE A 9 1.07 -26.86 -6.76
C ILE A 9 -0.12 -27.09 -7.68
N MET A 10 -0.25 -26.24 -8.69
CA MET A 10 -1.30 -26.39 -9.68
C MET A 10 -0.72 -26.11 -11.05
N THR A 11 -1.25 -26.80 -12.05
CA THR A 11 -0.81 -26.60 -13.40
C THR A 11 -1.67 -25.52 -14.06
N ARG A 12 -1.15 -24.99 -15.16
CA ARG A 12 -1.92 -24.02 -15.93
C ARG A 12 -3.23 -24.64 -16.39
N GLU A 13 -3.22 -25.92 -16.75
N GLU A 13 -3.23 -25.93 -16.76
CA GLU A 13 -4.44 -26.60 -17.18
CA GLU A 13 -4.47 -26.57 -17.19
C GLU A 13 -5.50 -26.58 -16.08
C GLU A 13 -5.51 -26.59 -16.07
N GLU A 14 -5.11 -26.94 -14.85
CA GLU A 14 -6.06 -26.91 -13.72
C GLU A 14 -6.61 -25.51 -13.49
N ARG A 15 -5.73 -24.50 -13.54
CA ARG A 15 -6.17 -23.14 -13.28
C ARG A 15 -7.15 -22.67 -14.35
N MET A 16 -6.97 -23.09 -15.60
CA MET A 16 -7.92 -22.71 -16.65
C MET A 16 -9.24 -23.46 -16.50
N LYS A 17 -9.20 -24.69 -16.02
CA LYS A 17 -10.45 -25.38 -15.72
C LYS A 17 -11.23 -24.60 -14.66
N ILE A 18 -10.53 -24.10 -13.63
CA ILE A 18 -11.18 -23.31 -12.61
C ILE A 18 -11.76 -22.02 -13.20
N VAL A 19 -11.02 -21.38 -14.11
CA VAL A 19 -11.50 -20.12 -14.70
C VAL A 19 -12.83 -20.34 -15.41
N HIS A 20 -12.94 -21.41 -16.17
CA HIS A 20 -14.18 -21.58 -16.93
C HIS A 20 -15.35 -21.97 -16.05
N GLU A 21 -15.10 -22.66 -14.94
CA GLU A 21 -16.16 -22.89 -13.97
C GLU A 21 -16.64 -21.57 -13.39
N ILE A 22 -15.71 -20.64 -13.11
CA ILE A 22 -16.10 -19.33 -12.60
C ILE A 22 -16.84 -18.53 -13.66
N LYS A 23 -16.38 -18.58 -14.91
CA LYS A 23 -17.07 -17.90 -16.00
C LYS A 23 -18.51 -18.37 -16.11
N GLU A 24 -18.72 -19.68 -16.05
CA GLU A 24 -20.08 -20.19 -16.21
C GLU A 24 -20.97 -19.72 -15.07
N ARG A 25 -20.44 -19.72 -13.84
CA ARG A 25 -21.24 -19.26 -12.72
C ARG A 25 -21.52 -17.76 -12.82
N ILE A 26 -20.56 -16.98 -13.33
CA ILE A 26 -20.81 -15.54 -13.52
C ILE A 26 -21.89 -15.34 -14.56
N LEU A 27 -21.78 -16.05 -15.68
CA LEU A 27 -22.77 -15.90 -16.73
C LEU A 27 -24.14 -16.39 -16.26
N ASP A 28 -24.17 -17.48 -15.49
CA ASP A 28 -25.44 -17.99 -14.97
C ASP A 28 -26.07 -17.01 -14.00
N LYS A 29 -25.27 -16.40 -13.13
CA LYS A 29 -25.82 -15.55 -12.07
C LYS A 29 -26.24 -14.19 -12.60
N TYR A 30 -25.46 -13.58 -13.47
CA TYR A 30 -25.72 -12.23 -13.93
C TYR A 30 -26.24 -12.15 -15.37
N GLY A 31 -26.14 -13.23 -16.13
CA GLY A 31 -26.79 -13.25 -17.44
C GLY A 31 -26.32 -12.11 -18.32
N ASP A 32 -27.28 -11.35 -18.85
CA ASP A 32 -26.99 -10.28 -19.81
C ASP A 32 -26.43 -9.02 -19.14
N ASP A 33 -26.28 -9.01 -17.82
CA ASP A 33 -25.54 -7.92 -17.19
C ASP A 33 -24.04 -8.13 -17.22
N VAL A 34 -23.56 -9.25 -17.76
CA VAL A 34 -22.14 -9.50 -17.96
C VAL A 34 -21.78 -9.00 -19.36
N LYS A 35 -20.95 -7.97 -19.41
CA LYS A 35 -20.47 -7.52 -20.71
C LYS A 35 -19.20 -8.26 -21.12
N ALA A 36 -18.34 -8.57 -20.16
CA ALA A 36 -17.11 -9.24 -20.51
C ALA A 36 -16.51 -9.90 -19.29
N ILE A 37 -15.74 -10.96 -19.53
CA ILE A 37 -14.95 -11.64 -18.53
C ILE A 37 -13.57 -11.88 -19.13
N GLY A 38 -12.53 -11.56 -18.37
CA GLY A 38 -11.18 -11.77 -18.81
C GLY A 38 -10.33 -12.20 -17.65
N VAL A 39 -9.18 -12.77 -17.96
CA VAL A 39 -8.18 -13.17 -16.96
C VAL A 39 -7.00 -12.22 -17.02
N TYR A 40 -6.53 -11.79 -15.87
CA TYR A 40 -5.31 -11.01 -15.88
C TYR A 40 -4.32 -11.67 -14.94
N GLY A 41 -3.27 -10.97 -14.55
CA GLY A 41 -2.25 -11.60 -13.73
C GLY A 41 -1.43 -12.57 -14.56
N SER A 42 -0.66 -13.40 -13.83
CA SER A 42 0.24 -14.31 -14.50
C SER A 42 -0.50 -15.37 -15.29
N LEU A 43 -1.72 -15.73 -14.87
CA LEU A 43 -2.48 -16.69 -15.67
C LEU A 43 -2.92 -16.06 -16.98
N GLY A 44 -3.25 -14.75 -16.97
CA GLY A 44 -3.59 -14.07 -18.21
C GLY A 44 -2.42 -13.97 -19.18
N ARG A 45 -1.20 -13.96 -18.65
CA ARG A 45 0.01 -13.98 -19.44
C ARG A 45 0.49 -15.39 -19.74
N GLN A 46 -0.22 -16.41 -19.24
CA GLN A 46 0.18 -17.78 -19.42
C GLN A 46 1.63 -17.97 -18.96
N THR A 47 2.00 -17.27 -17.87
CA THR A 47 3.29 -17.43 -17.20
C THR A 47 3.08 -17.74 -15.72
N ASP A 48 1.93 -18.30 -15.37
CA ASP A 48 1.70 -18.65 -13.98
C ASP A 48 2.70 -19.70 -13.54
N GLY A 49 3.17 -19.59 -12.30
CA GLY A 49 4.06 -20.57 -11.75
C GLY A 49 3.25 -21.62 -11.03
N PRO A 50 3.91 -22.63 -10.47
CA PRO A 50 3.15 -23.70 -9.81
C PRO A 50 2.23 -23.20 -8.71
N TYR A 51 2.65 -22.19 -7.95
CA TYR A 51 1.91 -21.73 -6.78
C TYR A 51 1.12 -20.46 -7.04
N SER A 52 0.95 -20.06 -8.30
CA SER A 52 0.26 -18.83 -8.64
C SER A 52 -1.24 -18.94 -8.38
N ASP A 53 -1.86 -17.83 -8.01
CA ASP A 53 -3.30 -17.79 -7.81
C ASP A 53 -3.94 -17.34 -9.13
N ILE A 54 -5.25 -17.12 -9.10
CA ILE A 54 -6.04 -16.79 -10.28
C ILE A 54 -6.66 -15.42 -10.08
N ASP A 55 -6.44 -14.52 -11.04
CA ASP A 55 -6.95 -13.15 -11.00
C ASP A 55 -7.84 -12.95 -12.22
N MET A 56 -9.11 -12.59 -11.99
CA MET A 56 -10.07 -12.42 -13.07
C MET A 56 -10.85 -11.12 -12.92
N MET A 57 -11.23 -10.56 -14.07
CA MET A 57 -11.98 -9.32 -14.16
C MET A 57 -13.29 -9.52 -14.93
N CYS A 58 -14.29 -8.73 -14.59
N CYS A 58 -14.30 -8.77 -14.55
CA CYS A 58 -15.61 -8.84 -15.21
CA CYS A 58 -15.60 -8.82 -15.20
C CYS A 58 -16.19 -7.44 -15.38
C CYS A 58 -16.10 -7.39 -15.41
N VAL A 59 -16.61 -7.12 -16.61
CA VAL A 59 -17.25 -5.86 -16.90
C VAL A 59 -18.76 -6.07 -16.85
N MET A 60 -19.43 -5.27 -16.04
CA MET A 60 -20.87 -5.37 -15.85
C MET A 60 -21.57 -4.22 -16.56
N SER A 61 -22.79 -4.47 -17.06
CA SER A 61 -23.57 -3.36 -17.58
C SER A 61 -24.26 -2.60 -16.46
N THR A 62 -24.44 -3.22 -15.30
CA THR A 62 -25.08 -2.57 -14.16
C THR A 62 -24.27 -1.32 -13.76
N GLU A 63 -24.95 -0.18 -13.68
CA GLU A 63 -24.26 1.07 -13.37
C GLU A 63 -23.88 1.07 -11.89
N GLU A 64 -22.69 1.60 -11.61
CA GLU A 64 -22.15 1.70 -10.27
C GLU A 64 -21.86 0.34 -9.65
N ALA A 65 -21.75 -0.70 -10.46
CA ALA A 65 -21.32 -1.99 -9.95
C ALA A 65 -19.83 -1.90 -9.65
N GLU A 66 -19.46 -2.22 -8.41
CA GLU A 66 -18.06 -2.16 -8.00
C GLU A 66 -17.93 -3.10 -6.81
N PHE A 67 -17.63 -4.36 -7.10
CA PHE A 67 -17.48 -5.34 -6.05
C PHE A 67 -16.45 -6.35 -6.49
N SER A 68 -16.02 -7.16 -5.54
CA SER A 68 -15.01 -8.15 -5.75
C SER A 68 -15.36 -9.36 -4.93
N HIS A 69 -15.04 -10.55 -5.45
CA HIS A 69 -15.12 -11.79 -4.69
C HIS A 69 -13.72 -12.39 -4.63
N GLU A 70 -13.18 -12.49 -3.43
CA GLU A 70 -11.84 -12.98 -3.24
C GLU A 70 -11.94 -14.03 -2.17
N TRP A 71 -11.45 -15.24 -2.45
CA TRP A 71 -11.64 -16.36 -1.55
C TRP A 71 -10.57 -17.42 -1.80
N THR A 72 -10.43 -18.30 -0.84
CA THR A 72 -9.57 -19.46 -0.95
C THR A 72 -10.37 -20.71 -0.65
N THR A 73 -9.94 -21.82 -1.25
CA THR A 73 -10.42 -23.15 -0.94
C THR A 73 -9.50 -23.85 0.04
N GLY A 74 -8.49 -23.14 0.57
CA GLY A 74 -7.43 -23.72 1.35
C GLY A 74 -6.27 -24.23 0.53
N GLU A 75 -6.50 -24.57 -0.74
CA GLU A 75 -5.47 -25.06 -1.64
C GLU A 75 -5.11 -24.05 -2.71
N TRP A 76 -6.10 -23.30 -3.21
CA TRP A 76 -5.86 -22.26 -4.17
C TRP A 76 -6.72 -21.06 -3.81
N LYS A 77 -6.39 -19.93 -4.43
CA LYS A 77 -7.00 -18.65 -4.14
C LYS A 77 -7.45 -18.03 -5.45
N VAL A 78 -8.61 -17.37 -5.43
CA VAL A 78 -9.15 -16.69 -6.59
C VAL A 78 -9.58 -15.29 -6.18
N GLU A 79 -9.46 -14.37 -7.13
CA GLU A 79 -9.98 -13.03 -6.99
C GLU A 79 -10.72 -12.68 -8.27
N VAL A 80 -11.98 -12.30 -8.15
CA VAL A 80 -12.77 -11.81 -9.28
C VAL A 80 -13.25 -10.39 -8.96
N ASN A 81 -12.91 -9.44 -9.82
CA ASN A 81 -13.32 -8.05 -9.69
C ASN A 81 -14.41 -7.79 -10.71
N PHE A 82 -15.48 -7.14 -10.26
CA PHE A 82 -16.63 -6.81 -11.08
C PHE A 82 -16.76 -5.29 -11.11
N ASP A 83 -16.66 -4.70 -12.30
CA ASP A 83 -16.77 -3.26 -12.47
C ASP A 83 -17.71 -2.97 -13.62
N SER A 84 -18.51 -1.93 -13.47
CA SER A 84 -19.21 -1.41 -14.63
C SER A 84 -18.17 -0.90 -15.62
N GLU A 85 -18.59 -0.81 -16.88
CA GLU A 85 -17.66 -0.35 -17.90
C GLU A 85 -17.11 1.03 -17.57
N GLU A 86 -17.97 1.94 -17.10
CA GLU A 86 -17.54 3.30 -16.85
C GLU A 86 -16.52 3.34 -15.71
N ILE A 87 -16.81 2.66 -14.61
CA ILE A 87 -15.87 2.66 -13.48
C ILE A 87 -14.53 2.07 -13.89
N LEU A 88 -14.55 0.97 -14.65
CA LEU A 88 -13.32 0.31 -15.07
C LEU A 88 -12.54 1.16 -16.06
N LEU A 89 -13.22 1.81 -17.00
CA LEU A 89 -12.51 2.65 -17.96
C LEU A 89 -11.92 3.86 -17.26
N ASP A 90 -12.65 4.43 -16.31
CA ASP A 90 -12.12 5.51 -15.50
C ASP A 90 -10.89 5.05 -14.74
N TYR A 91 -10.98 3.89 -14.06
CA TYR A 91 -9.83 3.42 -13.29
C TYR A 91 -8.63 3.15 -14.20
N ALA A 92 -8.90 2.62 -15.39
CA ALA A 92 -7.80 2.36 -16.32
C ALA A 92 -7.12 3.63 -16.81
N SER A 93 -7.77 4.79 -16.69
CA SER A 93 -7.20 6.02 -17.24
C SER A 93 -6.73 6.99 -16.17
N GLN A 94 -6.66 6.58 -14.90
CA GLN A 94 -6.09 7.39 -13.82
C GLN A 94 -4.72 6.83 -13.49
N VAL A 95 -3.78 7.73 -13.23
CA VAL A 95 -2.39 7.36 -13.01
C VAL A 95 -2.03 7.73 -11.57
N GLU A 96 -2.03 6.73 -10.67
CA GLU A 96 -1.59 6.95 -9.29
C GLU A 96 -0.09 6.73 -9.20
N SER A 97 0.47 6.90 -8.00
CA SER A 97 1.90 6.63 -7.82
C SER A 97 2.25 5.17 -8.10
N ASP A 98 1.29 4.26 -7.96
CA ASP A 98 1.58 2.84 -8.14
C ASP A 98 1.07 2.33 -9.48
N TRP A 99 0.78 3.24 -10.41
CA TRP A 99 0.40 2.83 -11.77
C TRP A 99 1.31 1.77 -12.37
N PRO A 100 2.64 1.87 -12.29
CA PRO A 100 3.47 0.79 -12.87
C PRO A 100 3.25 -0.52 -12.18
N LEU A 101 2.79 -0.52 -10.93
CA LEU A 101 2.55 -1.77 -10.25
C LEU A 101 1.22 -2.37 -10.65
N THR A 102 0.20 -1.54 -10.88
CA THR A 102 -1.17 -2.02 -10.99
C THR A 102 -1.67 -2.17 -12.42
N HIS A 103 -1.31 -1.25 -13.31
CA HIS A 103 -2.03 -1.16 -14.58
C HIS A 103 -1.49 -2.07 -15.67
N GLY A 104 -0.47 -2.89 -15.39
CA GLY A 104 -0.15 -3.94 -16.34
C GLY A 104 -1.30 -4.89 -16.57
N GLN A 105 -2.24 -4.94 -15.63
CA GLN A 105 -3.36 -5.85 -15.75
C GLN A 105 -4.17 -5.57 -17.02
N PHE A 106 -4.20 -4.33 -17.50
CA PHE A 106 -5.02 -4.05 -18.66
C PHE A 106 -4.31 -4.33 -19.99
N PHE A 107 -3.02 -4.71 -19.97
CA PHE A 107 -2.30 -4.93 -21.22
C PHE A 107 -2.15 -6.39 -21.63
N SER A 108 -2.54 -7.35 -20.80
CA SER A 108 -2.40 -8.75 -21.17
C SER A 108 -3.65 -9.57 -20.87
N ILE A 109 -4.84 -8.95 -20.91
CA ILE A 109 -6.05 -9.66 -20.49
C ILE A 109 -6.30 -10.84 -21.42
N LEU A 110 -6.46 -12.02 -20.84
CA LEU A 110 -6.80 -13.21 -21.61
C LEU A 110 -8.32 -13.25 -21.74
N PRO A 111 -8.89 -13.01 -22.91
CA PRO A 111 -10.35 -12.92 -23.03
C PRO A 111 -11.00 -14.30 -22.98
N ILE A 112 -12.05 -14.41 -22.19
CA ILE A 112 -12.86 -15.63 -22.19
C ILE A 112 -14.32 -15.37 -22.53
N TYR A 113 -14.83 -14.15 -22.34
CA TYR A 113 -16.19 -13.78 -22.72
C TYR A 113 -16.23 -12.27 -22.96
N ASP A 114 -16.83 -11.85 -24.07
CA ASP A 114 -16.82 -10.44 -24.44
C ASP A 114 -17.97 -10.21 -25.41
N SER A 115 -18.99 -9.46 -24.99
CA SER A 115 -20.17 -9.28 -25.83
C SER A 115 -20.04 -8.11 -26.80
N GLY A 116 -19.02 -7.28 -26.68
CA GLY A 116 -18.90 -6.15 -27.57
C GLY A 116 -17.57 -5.43 -27.57
N GLY A 117 -16.48 -6.20 -27.55
CA GLY A 117 -15.14 -5.62 -27.53
C GLY A 117 -14.83 -4.76 -26.31
N TYR A 118 -15.45 -5.06 -25.18
CA TYR A 118 -15.20 -4.26 -23.98
C TYR A 118 -13.75 -4.41 -23.52
N LEU A 119 -13.22 -5.64 -23.60
CA LEU A 119 -11.86 -5.89 -23.17
C LEU A 119 -10.86 -5.14 -24.04
N GLU A 120 -11.14 -5.03 -25.33
CA GLU A 120 -10.28 -4.23 -26.18
C GLU A 120 -10.41 -2.76 -25.83
N LYS A 121 -11.61 -2.30 -25.47
CA LYS A 121 -11.81 -0.90 -25.13
C LYS A 121 -11.04 -0.53 -23.86
N VAL A 122 -10.97 -1.45 -22.90
CA VAL A 122 -10.21 -1.22 -21.68
C VAL A 122 -8.73 -1.11 -21.99
N TYR A 123 -8.22 -2.00 -22.84
CA TYR A 123 -6.83 -1.94 -23.23
C TYR A 123 -6.53 -0.63 -23.94
N GLN A 124 -7.38 -0.25 -24.90
CA GLN A 124 -7.17 0.98 -25.64
C GLN A 124 -7.21 2.18 -24.69
N THR A 125 -8.10 2.14 -23.70
CA THR A 125 -8.13 3.21 -22.72
C THR A 125 -6.85 3.26 -21.89
N ALA A 126 -6.33 2.09 -21.49
CA ALA A 126 -5.13 2.05 -20.66
C ALA A 126 -3.90 2.56 -21.42
N LYS A 127 -3.81 2.30 -22.71
CA LYS A 127 -2.62 2.72 -23.44
C LYS A 127 -2.66 4.17 -23.87
N SER A 128 -3.84 4.81 -23.83
CA SER A 128 -4.06 6.12 -24.41
C SER A 128 -4.06 7.24 -23.37
N VAL A 129 -3.53 6.98 -22.17
CA VAL A 129 -3.49 8.00 -21.13
C VAL A 129 -2.56 9.13 -21.58
N GLU A 130 -3.00 10.37 -21.37
CA GLU A 130 -2.25 11.56 -21.78
C GLU A 130 -0.94 11.68 -21.00
N ALA A 131 0.08 12.23 -21.66
CA ALA A 131 1.40 12.37 -21.04
C ALA A 131 1.34 13.18 -19.76
N GLN A 132 0.42 14.14 -19.67
CA GLN A 132 0.34 14.99 -18.50
C GLN A 132 0.00 14.19 -17.24
N LYS A 133 -0.83 13.16 -17.38
CA LYS A 133 -1.21 12.39 -16.20
C LYS A 133 0.00 11.70 -15.58
N PHE A 134 0.95 11.27 -16.40
CA PHE A 134 2.18 10.70 -15.86
C PHE A 134 3.04 11.77 -15.22
N HIS A 135 3.09 12.95 -15.85
CA HIS A 135 3.87 14.06 -15.30
C HIS A 135 3.39 14.40 -13.89
N ASP A 136 2.07 14.55 -13.73
CA ASP A 136 1.50 14.90 -12.43
C ASP A 136 1.75 13.81 -11.42
N ALA A 137 1.61 12.54 -11.84
CA ALA A 137 1.81 11.43 -10.91
C ALA A 137 3.25 11.39 -10.43
N ILE A 138 4.19 11.72 -11.31
CA ILE A 138 5.60 11.72 -10.93
C ILE A 138 5.88 12.84 -9.94
N CYS A 139 5.33 14.03 -10.19
CA CYS A 139 5.52 15.14 -9.25
C CYS A 139 4.85 14.84 -7.92
N ALA A 140 3.64 14.27 -7.94
CA ALA A 140 3.00 13.91 -6.67
C ALA A 140 3.81 12.87 -5.93
N LEU A 141 4.35 11.89 -6.65
CA LEU A 141 5.12 10.83 -6.00
C LEU A 141 6.31 11.39 -5.23
N ILE A 142 7.01 12.36 -5.83
CA ILE A 142 8.17 12.96 -5.17
C ILE A 142 7.75 13.60 -3.85
N VAL A 143 6.66 14.35 -3.86
CA VAL A 143 6.18 15.05 -2.67
C VAL A 143 5.60 14.06 -1.67
N GLU A 144 4.67 13.23 -2.14
CA GLU A 144 3.89 12.39 -1.24
C GLU A 144 4.70 11.23 -0.70
N GLU A 145 5.68 10.75 -1.45
CA GLU A 145 6.39 9.54 -1.04
C GLU A 145 7.87 9.78 -0.83
N LEU A 146 8.62 10.21 -1.85
CA LEU A 146 10.08 10.23 -1.69
C LEU A 146 10.51 11.26 -0.65
N PHE A 147 9.96 12.47 -0.71
CA PHE A 147 10.36 13.50 0.25
C PHE A 147 10.07 13.06 1.68
N GLU A 148 8.95 12.38 1.87
CA GLU A 148 8.60 11.92 3.21
C GLU A 148 9.49 10.75 3.64
N TYR A 149 9.83 9.86 2.71
CA TYR A 149 10.79 8.80 3.05
C TYR A 149 12.13 9.40 3.47
N ALA A 150 12.57 10.45 2.76
CA ALA A 150 13.82 11.09 3.12
C ALA A 150 13.81 11.59 4.56
N GLY A 151 12.70 12.20 5.00
CA GLY A 151 12.60 12.61 6.39
C GLY A 151 12.63 11.43 7.36
N LYS A 152 12.06 10.30 6.96
CA LYS A 152 12.00 9.14 7.84
C LYS A 152 13.39 8.55 8.06
N TRP A 153 14.21 8.45 7.00
CA TRP A 153 15.54 7.90 7.25
C TRP A 153 16.46 8.94 7.86
N ARG A 154 16.22 10.24 7.60
CA ARG A 154 17.00 11.23 8.32
C ARG A 154 16.64 11.23 9.79
N ASN A 155 15.37 10.99 10.11
CA ASN A 155 14.98 10.84 11.50
C ASN A 155 15.62 9.61 12.12
N ILE A 156 15.73 8.53 11.34
CA ILE A 156 16.34 7.31 11.84
C ILE A 156 17.80 7.55 12.19
N ARG A 157 18.52 8.28 11.33
N ARG A 157 18.52 8.28 11.33
CA ARG A 157 19.94 8.53 11.57
CA ARG A 157 19.93 8.54 11.56
C ARG A 157 20.15 9.29 12.88
C ARG A 157 20.16 9.29 12.87
N VAL A 158 19.24 10.17 13.25
CA VAL A 158 19.46 11.03 14.41
C VAL A 158 18.80 10.50 15.68
N GLN A 159 17.73 9.72 15.56
CA GLN A 159 17.01 9.28 16.74
C GLN A 159 16.47 7.85 16.62
N GLY A 160 16.85 7.11 15.57
CA GLY A 160 16.39 5.76 15.36
C GLY A 160 14.92 5.70 14.95
N PRO A 161 14.38 4.47 14.84
CA PRO A 161 15.09 3.22 15.08
C PRO A 161 15.70 2.62 13.82
N THR A 162 16.94 2.13 13.92
CA THR A 162 17.56 1.47 12.78
C THR A 162 16.83 0.18 12.43
N THR A 163 16.07 -0.38 13.35
CA THR A 163 15.35 -1.60 13.05
C THR A 163 14.29 -1.39 11.97
N PHE A 164 13.92 -0.15 11.71
CA PHE A 164 12.99 0.15 10.62
C PHE A 164 13.72 0.35 9.30
N LEU A 165 15.02 0.61 9.34
CA LEU A 165 15.74 0.98 8.12
C LEU A 165 15.69 -0.06 7.01
N PRO A 166 15.85 -1.37 7.25
CA PRO A 166 15.75 -2.29 6.11
C PRO A 166 14.39 -2.21 5.43
N SER A 167 13.32 -2.10 6.21
CA SER A 167 11.97 -1.99 5.65
C SER A 167 11.80 -0.71 4.85
N LEU A 168 12.25 0.41 5.42
CA LEU A 168 12.15 1.68 4.73
C LEU A 168 12.92 1.65 3.43
N THR A 169 14.10 1.04 3.47
CA THR A 169 14.91 0.94 2.26
C THR A 169 14.18 0.14 1.20
N VAL A 170 13.49 -0.94 1.60
CA VAL A 170 12.71 -1.66 0.60
C VAL A 170 11.65 -0.74 0.01
N GLN A 171 10.97 0.04 0.87
CA GLN A 171 9.89 0.90 0.39
C GLN A 171 10.42 1.95 -0.56
N VAL A 172 11.58 2.51 -0.26
CA VAL A 172 12.16 3.52 -1.13
C VAL A 172 12.52 2.91 -2.48
N ALA A 173 13.07 1.70 -2.50
CA ALA A 173 13.41 1.09 -3.78
C ALA A 173 12.18 0.86 -4.62
N MET A 174 11.07 0.45 -3.97
CA MET A 174 9.81 0.28 -4.68
C MET A 174 9.30 1.60 -5.21
N ALA A 175 9.35 2.65 -4.40
CA ALA A 175 8.88 3.93 -4.90
C ALA A 175 9.74 4.43 -6.07
N GLY A 176 11.06 4.26 -5.97
CA GLY A 176 11.90 4.59 -7.11
C GLY A 176 11.50 3.79 -8.33
N ALA A 177 11.12 2.54 -8.13
CA ALA A 177 10.69 1.73 -9.26
C ALA A 177 9.42 2.30 -9.88
N MET A 178 8.50 2.77 -9.04
CA MET A 178 7.32 3.43 -9.57
C MET A 178 7.70 4.67 -10.33
N LEU A 179 8.63 5.44 -9.79
CA LEU A 179 9.08 6.67 -10.42
C LEU A 179 9.58 6.42 -11.83
N ILE A 180 10.47 5.44 -11.99
CA ILE A 180 11.00 5.13 -13.32
C ILE A 180 9.93 4.54 -14.20
N GLY A 181 9.10 3.66 -13.66
CA GLY A 181 8.03 3.10 -14.47
C GLY A 181 7.07 4.17 -14.98
N LEU A 182 6.78 5.17 -14.16
CA LEU A 182 5.92 6.25 -14.61
C LEU A 182 6.63 7.06 -15.69
N HIS A 183 7.93 7.24 -15.52
CA HIS A 183 8.69 8.00 -16.49
C HIS A 183 8.70 7.33 -17.85
N HIS A 184 8.90 6.02 -17.89
CA HIS A 184 8.91 5.26 -19.13
C HIS A 184 7.54 4.79 -19.56
N ARG A 185 6.49 5.12 -18.83
CA ARG A 185 5.17 4.52 -19.04
C ARG A 185 5.29 3.02 -19.26
N ILE A 186 6.00 2.36 -18.35
CA ILE A 186 6.08 0.91 -18.41
C ILE A 186 5.48 0.36 -17.12
N CYS A 187 4.64 -0.65 -17.29
CA CYS A 187 4.08 -1.36 -16.17
C CYS A 187 4.94 -2.58 -15.91
N TYR A 188 5.25 -2.83 -14.64
CA TYR A 188 5.97 -4.04 -14.27
C TYR A 188 5.08 -5.27 -14.40
N THR A 189 5.71 -6.41 -14.74
CA THR A 189 4.96 -7.64 -14.99
C THR A 189 4.23 -8.12 -13.74
N THR A 190 5.00 -8.40 -12.69
CA THR A 190 4.47 -8.86 -11.42
C THR A 190 5.31 -8.24 -10.33
N SER A 191 4.88 -8.41 -9.07
CA SER A 191 5.58 -7.74 -7.99
C SER A 191 7.02 -8.24 -7.87
N ALA A 192 7.25 -9.52 -8.10
CA ALA A 192 8.58 -10.07 -7.95
C ALA A 192 9.59 -9.48 -8.95
N SER A 193 9.12 -8.98 -10.09
CA SER A 193 9.98 -8.46 -11.13
C SER A 193 10.05 -6.94 -11.16
N VAL A 194 9.46 -6.27 -10.16
CA VAL A 194 9.43 -4.80 -10.16
C VAL A 194 10.85 -4.25 -10.14
N LEU A 195 11.64 -4.65 -9.16
CA LEU A 195 12.98 -4.10 -9.03
C LEU A 195 13.89 -4.60 -10.14
N THR A 196 13.77 -5.88 -10.50
CA THR A 196 14.63 -6.42 -11.54
C THR A 196 14.36 -5.75 -12.88
N GLU A 197 13.10 -5.39 -13.17
CA GLU A 197 12.82 -4.65 -14.40
C GLU A 197 13.09 -3.16 -14.25
N ALA A 198 12.92 -2.60 -13.05
CA ALA A 198 13.15 -1.16 -12.91
C ALA A 198 14.61 -0.84 -13.17
N VAL A 199 15.52 -1.73 -12.77
CA VAL A 199 16.95 -1.40 -12.87
C VAL A 199 17.53 -1.61 -14.26
N LYS A 200 16.76 -2.09 -15.22
CA LYS A 200 17.26 -2.23 -16.57
C LYS A 200 16.60 -1.20 -17.48
N GLN A 201 15.84 -0.29 -16.89
CA GLN A 201 15.29 0.85 -17.58
C GLN A 201 16.40 1.86 -17.76
N SER A 202 16.33 2.57 -18.88
CA SER A 202 17.32 3.59 -19.16
C SER A 202 17.10 4.82 -18.31
N ASP A 203 18.20 5.53 -17.99
CA ASP A 203 18.09 6.88 -17.47
C ASP A 203 17.58 6.87 -16.03
N LEU A 204 18.12 5.96 -15.23
CA LEU A 204 17.73 5.88 -13.84
C LEU A 204 18.29 7.09 -13.10
N PRO A 205 17.64 7.53 -12.03
CA PRO A 205 18.28 8.51 -11.16
C PRO A 205 19.56 7.94 -10.59
N SER A 206 20.57 8.80 -10.50
CA SER A 206 21.84 8.40 -9.91
C SER A 206 21.62 7.80 -8.52
N GLY A 207 22.30 6.68 -8.25
CA GLY A 207 22.26 5.99 -6.96
C GLY A 207 21.15 4.97 -6.78
N TYR A 208 20.22 4.87 -7.73
CA TYR A 208 19.10 3.94 -7.59
C TYR A 208 19.53 2.48 -7.75
N ASP A 209 20.29 2.18 -8.82
CA ASP A 209 20.68 0.79 -9.04
C ASP A 209 21.51 0.28 -7.87
N HIS A 210 22.37 1.14 -7.31
CA HIS A 210 23.11 0.71 -6.14
C HIS A 210 22.18 0.46 -4.96
N LEU A 211 21.15 1.29 -4.79
CA LEU A 211 20.20 1.05 -3.71
C LEU A 211 19.45 -0.27 -3.91
N CYS A 212 19.06 -0.55 -5.15
CA CYS A 212 18.34 -1.78 -5.41
C CYS A 212 19.20 -3.01 -5.17
N GLN A 213 20.52 -2.87 -5.35
CA GLN A 213 21.41 -4.00 -5.13
C GLN A 213 21.41 -4.38 -3.65
N PHE A 214 21.31 -3.39 -2.76
CA PHE A 214 21.13 -3.71 -1.35
C PHE A 214 19.84 -4.49 -1.13
N VAL A 215 18.74 -4.03 -1.74
CA VAL A 215 17.43 -4.63 -1.49
C VAL A 215 17.32 -6.00 -2.15
N MET A 216 17.82 -6.13 -3.38
CA MET A 216 17.70 -7.40 -4.05
C MET A 216 18.61 -8.47 -3.43
N SER A 217 19.78 -8.09 -2.93
CA SER A 217 20.68 -9.06 -2.33
C SER A 217 20.31 -9.37 -0.89
N GLY A 218 19.46 -8.56 -0.28
CA GLY A 218 19.13 -8.79 1.10
C GLY A 218 20.15 -8.29 2.07
N GLN A 219 21.22 -7.67 1.58
CA GLN A 219 22.28 -7.15 2.45
C GLN A 219 21.87 -5.78 2.96
N LEU A 220 21.02 -5.80 3.99
CA LEU A 220 20.40 -4.61 4.56
C LEU A 220 20.73 -4.42 6.04
N SER A 221 21.85 -4.97 6.52
CA SER A 221 22.21 -4.86 7.93
C SER A 221 23.16 -3.72 8.23
N ASP A 222 23.84 -3.18 7.22
CA ASP A 222 24.82 -2.11 7.41
C ASP A 222 24.09 -0.77 7.36
N SER A 223 23.69 -0.29 8.53
CA SER A 223 22.85 0.90 8.57
C SER A 223 23.57 2.10 7.99
N GLU A 224 24.88 2.18 8.22
CA GLU A 224 25.63 3.32 7.70
C GLU A 224 25.64 3.32 6.18
N LYS A 225 25.88 2.16 5.56
CA LYS A 225 25.92 2.08 4.11
C LYS A 225 24.55 2.31 3.48
N LEU A 226 23.47 1.88 4.13
CA LEU A 226 22.14 2.14 3.60
C LEU A 226 21.83 3.63 3.63
N LEU A 227 22.16 4.29 4.73
CA LEU A 227 21.92 5.72 4.85
C LEU A 227 22.70 6.50 3.79
N GLU A 228 23.96 6.09 3.52
CA GLU A 228 24.70 6.75 2.44
C GLU A 228 23.97 6.57 1.13
N SER A 229 23.51 5.35 0.91
CA SER A 229 22.86 4.96 -0.34
C SER A 229 21.52 5.64 -0.52
N LEU A 230 20.74 5.78 0.56
CA LEU A 230 19.48 6.49 0.43
C LEU A 230 19.73 7.96 0.10
N GLU A 231 20.72 8.57 0.78
CA GLU A 231 21.05 9.96 0.46
C GLU A 231 21.56 10.10 -0.97
N ASN A 232 22.38 9.17 -1.46
CA ASN A 232 22.87 9.29 -2.84
C ASN A 232 21.72 9.19 -3.83
N PHE A 233 20.79 8.27 -3.59
CA PHE A 233 19.59 8.18 -4.42
C PHE A 233 18.74 9.43 -4.30
N TRP A 234 18.57 9.95 -3.08
CA TRP A 234 17.84 11.21 -2.90
C TRP A 234 18.51 12.32 -3.70
N ASN A 235 19.84 12.38 -3.71
CA ASN A 235 20.54 13.35 -4.53
C ASN A 235 20.26 13.10 -6.00
N GLY A 236 20.33 11.83 -6.42
CA GLY A 236 20.06 11.51 -7.81
C GLY A 236 18.66 11.92 -8.23
N ILE A 237 17.70 11.84 -7.30
N ILE A 237 17.70 11.82 -7.30
CA ILE A 237 16.33 12.28 -7.59
CA ILE A 237 16.33 12.29 -7.58
C ILE A 237 16.30 13.78 -7.87
C ILE A 237 16.31 13.78 -7.88
N GLN A 238 16.99 14.58 -7.05
CA GLN A 238 16.99 16.02 -7.29
C GLN A 238 17.58 16.33 -8.64
N GLU A 239 18.66 15.65 -9.02
CA GLU A 239 19.22 15.86 -10.35
C GLU A 239 18.24 15.42 -11.42
N TRP A 240 17.68 14.22 -11.27
CA TRP A 240 16.87 13.57 -12.30
C TRP A 240 15.57 14.30 -12.59
N THR A 241 14.82 14.63 -11.52
CA THR A 241 13.54 15.32 -11.71
C THR A 241 13.75 16.68 -12.33
N GLU A 242 14.83 17.30 -11.95
CA GLU A 242 15.05 18.68 -12.30
C GLU A 242 15.54 18.76 -13.75
N ARG A 243 16.25 17.71 -14.19
CA ARG A 243 16.67 17.57 -15.57
C ARG A 243 15.53 17.15 -16.50
N HIS A 244 14.50 16.47 -15.98
CA HIS A 244 13.39 16.06 -16.81
C HIS A 244 12.19 16.98 -16.64
N GLY A 245 12.33 18.06 -15.87
CA GLY A 245 11.21 18.97 -15.74
C GLY A 245 10.12 18.50 -14.79
N TYR A 246 10.39 17.54 -13.92
CA TYR A 246 9.42 17.18 -12.90
C TYR A 246 9.59 18.14 -11.73
N ILE A 247 9.22 19.37 -12.00
CA ILE A 247 9.38 20.47 -11.06
C ILE A 247 8.04 20.89 -10.53
N VAL A 248 7.97 21.08 -9.23
CA VAL A 248 6.81 21.65 -8.58
C VAL A 248 7.25 22.99 -8.01
N ASP A 249 6.40 23.99 -8.11
CA ASP A 249 6.69 25.23 -7.42
C ASP A 249 6.65 24.96 -5.91
N VAL A 250 7.76 25.20 -5.21
CA VAL A 250 7.80 24.97 -3.77
C VAL A 250 8.02 26.27 -3.00
N SER A 251 7.78 27.44 -3.65
CA SER A 251 8.22 28.71 -3.07
C SER A 251 7.30 29.23 -1.97
N LYS A 252 6.03 28.85 -1.96
CA LYS A 252 5.10 29.37 -0.96
C LYS A 252 5.01 28.45 0.25
N ARG A 253 4.96 29.06 1.44
CA ARG A 253 4.80 28.27 2.65
C ARG A 253 3.46 27.54 2.66
N ILE A 254 2.41 28.18 2.17
CA ILE A 254 1.07 27.57 2.07
C ILE A 254 0.54 27.80 0.66
N PRO A 255 0.49 26.77 -0.18
CA PRO A 255 0.12 26.99 -1.59
C PRO A 255 -1.36 26.85 -1.89
N PHE A 256 -2.24 27.17 -0.95
CA PHE A 256 -3.66 27.25 -1.29
C PHE A 256 -4.27 28.51 -0.66
N ASN B 5 17.34 20.34 -1.02
CA ASN B 5 18.27 19.62 -0.15
C ASN B 5 17.52 18.64 0.77
N GLY B 6 16.26 18.36 0.43
CA GLY B 6 15.46 17.42 1.20
C GLY B 6 14.94 18.08 2.45
N PRO B 7 14.25 17.31 3.30
CA PRO B 7 13.73 17.89 4.54
C PRO B 7 14.84 18.39 5.45
N ILE B 8 14.59 19.54 6.10
CA ILE B 8 15.54 20.12 7.02
C ILE B 8 15.16 19.80 8.45
N ILE B 9 16.07 20.09 9.37
CA ILE B 9 15.80 20.00 10.79
C ILE B 9 14.85 21.12 11.18
N MET B 10 13.82 20.78 11.95
CA MET B 10 12.89 21.74 12.49
C MET B 10 12.52 21.34 13.91
N THR B 11 12.33 22.33 14.75
CA THR B 11 11.94 22.07 16.12
C THR B 11 10.43 21.97 16.20
N ARG B 12 9.96 21.41 17.31
CA ARG B 12 8.52 21.31 17.57
C ARG B 12 7.88 22.69 17.53
N GLU B 13 8.52 23.69 18.14
CA GLU B 13 7.92 25.02 18.16
C GLU B 13 7.76 25.60 16.75
N GLU B 14 8.76 25.41 15.87
CA GLU B 14 8.60 25.89 14.49
C GLU B 14 7.48 25.15 13.77
N ARG B 15 7.33 23.84 14.01
CA ARG B 15 6.25 23.13 13.32
C ARG B 15 4.88 23.62 13.79
N MET B 16 4.74 23.94 15.09
CA MET B 16 3.47 24.46 15.59
C MET B 16 3.19 25.87 15.09
N LYS B 17 4.24 26.69 14.94
CA LYS B 17 4.05 27.98 14.30
C LYS B 17 3.54 27.80 12.87
N ILE B 18 4.08 26.82 12.14
CA ILE B 18 3.59 26.52 10.80
C ILE B 18 2.15 26.05 10.86
N VAL B 19 1.82 25.23 11.87
CA VAL B 19 0.47 24.72 12.01
C VAL B 19 -0.53 25.86 12.16
N HIS B 20 -0.20 26.82 13.02
CA HIS B 20 -1.17 27.88 13.26
C HIS B 20 -1.28 28.79 12.04
N GLU B 21 -0.20 28.91 11.27
CA GLU B 21 -0.28 29.60 9.99
C GLU B 21 -1.24 28.89 9.05
N ILE B 22 -1.17 27.56 9.01
CA ILE B 22 -2.09 26.84 8.16
C ILE B 22 -3.51 26.96 8.71
N LYS B 23 -3.66 26.91 10.03
CA LYS B 23 -4.99 27.07 10.62
C LYS B 23 -5.60 28.39 10.18
N GLU B 24 -4.85 29.49 10.27
CA GLU B 24 -5.44 30.78 9.91
C GLU B 24 -5.79 30.81 8.44
N ARG B 25 -4.95 30.23 7.59
CA ARG B 25 -5.23 30.23 6.17
C ARG B 25 -6.48 29.42 5.85
N ILE B 26 -6.68 28.31 6.55
CA ILE B 26 -7.88 27.49 6.34
C ILE B 26 -9.12 28.27 6.74
N LEU B 27 -9.08 28.87 7.92
CA LEU B 27 -10.25 29.61 8.40
C LEU B 27 -10.54 30.80 7.49
N ASP B 28 -9.49 31.51 7.02
CA ASP B 28 -9.72 32.61 6.10
C ASP B 28 -10.33 32.13 4.80
N LYS B 29 -9.85 30.99 4.29
CA LYS B 29 -10.29 30.56 2.97
C LYS B 29 -11.67 29.94 3.00
N TYR B 30 -11.96 29.08 3.98
CA TYR B 30 -13.22 28.34 4.04
C TYR B 30 -14.20 28.85 5.10
N GLY B 31 -13.74 29.64 6.07
CA GLY B 31 -14.65 30.31 7.00
C GLY B 31 -15.55 29.36 7.77
N ASP B 32 -16.85 29.63 7.73
CA ASP B 32 -17.81 28.90 8.54
C ASP B 32 -18.09 27.52 8.02
N ASP B 33 -17.48 27.10 6.92
CA ASP B 33 -17.58 25.70 6.55
C ASP B 33 -16.59 24.84 7.28
N VAL B 34 -15.70 25.42 8.08
CA VAL B 34 -14.75 24.66 8.87
C VAL B 34 -15.37 24.35 10.22
N LYS B 35 -15.61 23.06 10.47
CA LYS B 35 -16.11 22.64 11.76
C LYS B 35 -14.99 22.41 12.77
N ALA B 36 -13.85 21.87 12.34
CA ALA B 36 -12.76 21.60 13.28
C ALA B 36 -11.46 21.40 12.53
N ILE B 37 -10.36 21.68 13.22
CA ILE B 37 -9.01 21.48 12.70
C ILE B 37 -8.18 20.80 13.77
N GLY B 38 -7.41 19.78 13.38
CA GLY B 38 -6.54 19.11 14.33
C GLY B 38 -5.24 18.71 13.68
N VAL B 39 -4.26 18.47 14.52
CA VAL B 39 -2.98 17.93 14.12
C VAL B 39 -2.98 16.47 14.54
N TYR B 40 -2.52 15.61 13.65
CA TYR B 40 -2.33 14.21 14.01
C TYR B 40 -0.92 13.77 13.63
N GLY B 41 -0.64 12.48 13.62
CA GLY B 41 0.73 12.06 13.43
C GLY B 41 1.56 12.40 14.67
N SER B 42 2.89 12.32 14.49
CA SER B 42 3.81 12.53 15.61
C SER B 42 3.73 13.92 16.19
N LEU B 43 3.43 14.92 15.38
CA LEU B 43 3.28 16.25 15.96
C LEU B 43 2.04 16.28 16.86
N GLY B 44 1.01 15.54 16.48
CA GLY B 44 -0.16 15.46 17.33
C GLY B 44 0.09 14.75 18.64
N ARG B 45 1.09 13.85 18.68
CA ARG B 45 1.51 13.18 19.91
C ARG B 45 2.59 13.95 20.65
N GLN B 46 3.03 15.09 20.12
CA GLN B 46 4.16 15.80 20.69
C GLN B 46 5.39 14.89 20.78
N THR B 47 5.57 14.02 19.75
CA THR B 47 6.78 13.20 19.63
C THR B 47 7.45 13.35 18.26
N ASP B 48 7.21 14.45 17.57
CA ASP B 48 7.84 14.66 16.27
C ASP B 48 9.34 14.83 16.43
N GLY B 49 10.09 14.24 15.52
CA GLY B 49 11.53 14.36 15.50
C GLY B 49 11.99 15.49 14.61
N PRO B 50 13.31 15.66 14.52
CA PRO B 50 13.86 16.78 13.74
C PRO B 50 13.35 16.84 12.31
N TYR B 51 13.19 15.70 11.64
CA TYR B 51 12.85 15.68 10.23
C TYR B 51 11.40 15.30 9.97
N SER B 52 10.57 15.33 11.00
CA SER B 52 9.17 14.95 10.85
C SER B 52 8.40 15.99 10.05
N ASP B 53 7.40 15.51 9.30
CA ASP B 53 6.50 16.41 8.57
C ASP B 53 5.28 16.72 9.44
N ILE B 54 4.33 17.44 8.85
CA ILE B 54 3.15 17.96 9.54
C ILE B 54 1.93 17.33 8.90
N ASP B 55 1.06 16.73 9.71
CA ASP B 55 -0.16 16.11 9.23
C ASP B 55 -1.33 16.76 9.95
N MET B 56 -2.26 17.33 9.19
CA MET B 56 -3.41 18.01 9.76
C MET B 56 -4.70 17.52 9.12
N MET B 57 -5.77 17.52 9.90
CA MET B 57 -7.08 17.10 9.41
C MET B 57 -8.10 18.18 9.68
N CYS B 58 -9.06 18.30 8.78
N CYS B 58 -9.03 18.34 8.76
CA CYS B 58 -10.06 19.37 8.80
CA CYS B 58 -10.07 19.35 8.86
C CYS B 58 -11.44 18.77 8.59
C CYS B 58 -11.43 18.72 8.63
N VAL B 59 -12.35 19.03 9.53
CA VAL B 59 -13.74 18.62 9.40
C VAL B 59 -14.50 19.79 8.80
N MET B 60 -15.15 19.56 7.66
CA MET B 60 -15.90 20.57 6.93
C MET B 60 -17.39 20.32 7.07
N SER B 61 -18.18 21.39 7.07
CA SER B 61 -19.63 21.21 7.08
C SER B 61 -20.15 20.89 5.70
N THR B 62 -19.38 21.21 4.66
CA THR B 62 -19.79 20.92 3.30
C THR B 62 -19.99 19.42 3.12
N GLU B 63 -21.17 19.03 2.65
CA GLU B 63 -21.43 17.61 2.51
C GLU B 63 -20.71 17.08 1.28
N GLU B 64 -20.21 15.84 1.40
CA GLU B 64 -19.40 15.18 0.38
C GLU B 64 -18.04 15.85 0.15
N ALA B 65 -17.56 16.64 1.11
CA ALA B 65 -16.22 17.23 0.99
C ALA B 65 -15.16 16.16 1.21
N GLU B 66 -14.25 16.04 0.26
CA GLU B 66 -13.15 15.06 0.35
C GLU B 66 -11.99 15.53 -0.53
N PHE B 67 -11.09 16.30 0.08
CA PHE B 67 -9.93 16.74 -0.68
C PHE B 67 -8.77 16.91 0.30
N SER B 68 -7.57 17.07 -0.28
CA SER B 68 -6.33 17.17 0.46
C SER B 68 -5.43 18.19 -0.23
N HIS B 69 -4.63 18.87 0.57
CA HIS B 69 -3.53 19.70 0.09
C HIS B 69 -2.28 19.09 0.67
N GLU B 70 -1.36 18.70 -0.19
CA GLU B 70 -0.12 18.08 0.24
C GLU B 70 1.01 18.76 -0.50
N TRP B 71 2.01 19.26 0.22
CA TRP B 71 3.02 20.03 -0.48
C TRP B 71 4.29 20.07 0.37
N THR B 72 5.37 20.47 -0.28
CA THR B 72 6.62 20.75 0.41
C THR B 72 7.00 22.17 0.07
N THR B 73 7.79 22.75 0.94
CA THR B 73 8.46 24.01 0.68
C THR B 73 9.88 23.78 0.23
N GLY B 74 10.23 22.53 -0.06
CA GLY B 74 11.60 22.16 -0.29
C GLY B 74 12.35 21.84 0.98
N GLU B 75 11.90 22.38 2.11
CA GLU B 75 12.50 22.17 3.41
C GLU B 75 11.64 21.35 4.36
N TRP B 76 10.33 21.52 4.33
CA TRP B 76 9.42 20.72 5.12
C TRP B 76 8.20 20.37 4.28
N LYS B 77 7.41 19.43 4.79
CA LYS B 77 6.29 18.90 4.06
C LYS B 77 5.04 18.98 4.93
N VAL B 78 3.91 19.28 4.32
CA VAL B 78 2.63 19.38 5.01
C VAL B 78 1.59 18.60 4.24
N GLU B 79 0.66 18.00 4.96
CA GLU B 79 -0.50 17.37 4.37
C GLU B 79 -1.71 17.79 5.16
N VAL B 80 -2.72 18.34 4.48
CA VAL B 80 -3.98 18.65 5.13
C VAL B 80 -5.10 17.92 4.42
N ASN B 81 -5.90 17.20 5.20
CA ASN B 81 -7.06 16.46 4.72
C ASN B 81 -8.33 17.18 5.10
N PHE B 82 -9.23 17.34 4.14
CA PHE B 82 -10.50 18.02 4.36
C PHE B 82 -11.61 17.03 4.08
N ASP B 83 -12.38 16.69 5.11
CA ASP B 83 -13.48 15.73 4.97
C ASP B 83 -14.76 16.26 5.62
N SER B 84 -15.91 15.96 5.03
CA SER B 84 -17.14 16.16 5.76
C SER B 84 -17.16 15.24 6.97
N GLU B 85 -17.95 15.61 7.98
CA GLU B 85 -18.02 14.80 9.18
C GLU B 85 -18.41 13.35 8.86
N GLU B 86 -19.37 13.18 7.95
CA GLU B 86 -19.83 11.83 7.63
C GLU B 86 -18.72 11.01 6.98
N ILE B 87 -18.05 11.59 5.98
CA ILE B 87 -16.98 10.86 5.30
C ILE B 87 -15.85 10.53 6.28
N LEU B 88 -15.50 11.47 7.14
CA LEU B 88 -14.45 11.22 8.11
C LEU B 88 -14.89 10.16 9.13
N LEU B 89 -16.14 10.23 9.60
CA LEU B 89 -16.56 9.24 10.59
C LEU B 89 -16.64 7.86 9.99
N ASP B 90 -17.16 7.74 8.77
N ASP B 90 -17.15 7.76 8.75
CA ASP B 90 -17.24 6.41 8.17
CA ASP B 90 -17.27 6.46 8.12
C ASP B 90 -15.86 5.82 7.94
C ASP B 90 -15.90 5.84 7.88
N TYR B 91 -14.90 6.65 7.50
CA TYR B 91 -13.55 6.13 7.32
C TYR B 91 -12.95 5.66 8.65
N ALA B 92 -13.24 6.38 9.74
CA ALA B 92 -12.71 6.06 11.07
C ALA B 92 -13.30 4.76 11.63
N SER B 93 -14.42 4.30 11.09
CA SER B 93 -15.11 3.14 11.61
C SER B 93 -14.94 1.98 10.68
N GLN B 94 -14.05 2.12 9.72
CA GLN B 94 -13.82 1.11 8.71
C GLN B 94 -12.46 0.44 8.95
N VAL B 95 -12.41 -0.90 8.91
CA VAL B 95 -11.24 -1.64 9.33
C VAL B 95 -10.67 -2.42 8.17
N GLU B 96 -9.61 -1.90 7.57
CA GLU B 96 -8.89 -2.54 6.50
C GLU B 96 -7.76 -3.38 7.08
N SER B 97 -7.05 -4.10 6.18
CA SER B 97 -5.88 -4.89 6.57
C SER B 97 -4.81 -4.05 7.21
N ASP B 98 -4.74 -2.76 6.88
CA ASP B 98 -3.68 -1.92 7.42
C ASP B 98 -4.19 -0.98 8.51
N TRP B 99 -5.39 -1.24 9.06
CA TRP B 99 -5.93 -0.46 10.16
C TRP B 99 -4.94 -0.19 11.28
N PRO B 100 -4.16 -1.17 11.78
CA PRO B 100 -3.18 -0.85 12.84
C PRO B 100 -2.13 0.18 12.42
N LEU B 101 -1.85 0.27 11.12
CA LEU B 101 -0.89 1.25 10.65
C LEU B 101 -1.53 2.62 10.50
N THR B 102 -2.78 2.67 10.06
CA THR B 102 -3.38 3.90 9.58
C THR B 102 -4.21 4.59 10.63
N HIS B 103 -4.93 3.84 11.45
CA HIS B 103 -5.93 4.51 12.27
C HIS B 103 -5.38 5.02 13.58
N GLY B 104 -4.07 4.91 13.81
CA GLY B 104 -3.47 5.65 14.92
C GLY B 104 -3.67 7.14 14.83
N GLN B 105 -3.97 7.64 13.63
CA GLN B 105 -4.19 9.08 13.50
C GLN B 105 -5.36 9.55 14.36
N PHE B 106 -6.39 8.72 14.56
CA PHE B 106 -7.54 9.19 15.32
C PHE B 106 -7.33 9.10 16.83
N PHE B 107 -6.23 8.49 17.26
CA PHE B 107 -5.87 8.39 18.66
C PHE B 107 -4.82 9.45 19.05
N SER B 108 -4.40 10.28 18.11
CA SER B 108 -3.35 11.25 18.37
C SER B 108 -3.77 12.70 18.10
N ILE B 109 -5.05 13.00 17.97
CA ILE B 109 -5.46 14.32 17.49
C ILE B 109 -5.20 15.39 18.54
N LEU B 110 -4.42 16.39 18.15
CA LEU B 110 -4.22 17.59 18.93
C LEU B 110 -5.18 18.62 18.38
N PRO B 111 -6.26 18.97 19.07
CA PRO B 111 -7.22 19.93 18.50
C PRO B 111 -6.65 21.34 18.47
N ILE B 112 -6.89 22.04 17.37
CA ILE B 112 -6.40 23.39 17.15
C ILE B 112 -7.57 24.32 16.95
N TYR B 113 -8.67 23.76 16.46
CA TYR B 113 -9.89 24.50 16.23
C TYR B 113 -11.04 23.51 16.31
N ASP B 114 -12.09 23.86 17.04
CA ASP B 114 -13.18 22.90 17.20
C ASP B 114 -14.42 23.66 17.64
N SER B 115 -15.44 23.65 16.79
CA SER B 115 -16.65 24.38 17.11
C SER B 115 -17.69 23.57 17.88
N GLY B 116 -17.56 22.26 17.96
CA GLY B 116 -18.60 21.51 18.63
C GLY B 116 -18.21 20.10 18.98
N GLY B 117 -17.00 19.93 19.53
CA GLY B 117 -16.52 18.61 19.89
C GLY B 117 -16.44 17.63 18.74
N TYR B 118 -16.17 18.10 17.52
CA TYR B 118 -16.11 17.20 16.38
C TYR B 118 -14.92 16.24 16.48
N LEU B 119 -13.75 16.75 16.89
CA LEU B 119 -12.57 15.90 17.00
C LEU B 119 -12.73 14.85 18.08
N GLU B 120 -13.42 15.18 19.18
CA GLU B 120 -13.72 14.19 20.20
C GLU B 120 -14.69 13.14 19.65
N LYS B 121 -15.63 13.56 18.81
CA LYS B 121 -16.56 12.61 18.21
C LYS B 121 -15.82 11.66 17.30
N VAL B 122 -14.85 12.18 16.54
CA VAL B 122 -14.06 11.34 15.64
C VAL B 122 -13.26 10.34 16.44
N TYR B 123 -12.66 10.79 17.54
CA TYR B 123 -11.91 9.88 18.41
C TYR B 123 -12.81 8.79 19.00
N GLN B 124 -13.98 9.19 19.51
CA GLN B 124 -14.89 8.21 20.08
C GLN B 124 -15.32 7.18 19.05
N THR B 125 -15.58 7.61 17.81
CA THR B 125 -15.95 6.68 16.76
C THR B 125 -14.82 5.72 16.46
N ALA B 126 -13.59 6.21 16.39
CA ALA B 126 -12.47 5.33 16.09
C ALA B 126 -12.23 4.32 17.21
N LYS B 127 -12.38 4.73 18.47
CA LYS B 127 -12.09 3.77 19.53
C LYS B 127 -13.24 2.82 19.83
N SER B 128 -14.41 3.02 19.21
N SER B 128 -14.43 3.02 19.24
CA SER B 128 -15.60 2.24 19.51
CA SER B 128 -15.59 2.20 19.52
C SER B 128 -15.97 1.29 18.36
C SER B 128 -15.98 1.30 18.35
N VAL B 129 -15.03 1.02 17.46
CA VAL B 129 -15.32 0.16 16.32
C VAL B 129 -15.68 -1.23 16.82
N GLU B 130 -16.72 -1.82 16.21
CA GLU B 130 -17.22 -3.11 16.67
C GLU B 130 -16.17 -4.18 16.48
N ALA B 131 -16.10 -5.09 17.45
CA ALA B 131 -15.10 -6.15 17.43
C ALA B 131 -15.21 -7.02 16.20
N GLN B 132 -16.42 -7.19 15.65
CA GLN B 132 -16.60 -8.07 14.50
C GLN B 132 -15.81 -7.57 13.30
N LYS B 133 -15.66 -6.25 13.16
CA LYS B 133 -14.93 -5.69 12.03
C LYS B 133 -13.47 -6.11 12.07
N PHE B 134 -12.88 -6.23 13.26
CA PHE B 134 -11.50 -6.71 13.38
C PHE B 134 -11.40 -8.18 13.03
N HIS B 135 -12.42 -8.95 13.41
CA HIS B 135 -12.50 -10.36 13.04
C HIS B 135 -12.55 -10.54 11.54
N ASP B 136 -13.44 -9.78 10.87
CA ASP B 136 -13.56 -9.89 9.43
C ASP B 136 -12.25 -9.47 8.74
N ALA B 137 -11.65 -8.39 9.21
CA ALA B 137 -10.42 -7.87 8.60
C ALA B 137 -9.28 -8.86 8.76
N ILE B 138 -9.24 -9.59 9.86
CA ILE B 138 -8.19 -10.58 10.05
C ILE B 138 -8.34 -11.72 9.07
N CYS B 139 -9.58 -12.18 8.87
CA CYS B 139 -9.84 -13.25 7.91
C CYS B 139 -9.57 -12.77 6.50
N ALA B 140 -9.95 -11.53 6.19
CA ALA B 140 -9.61 -11.00 4.88
C ALA B 140 -8.09 -10.92 4.70
N LEU B 141 -7.35 -10.49 5.74
CA LEU B 141 -5.90 -10.36 5.62
C LEU B 141 -5.23 -11.70 5.30
N ILE B 142 -5.70 -12.78 5.93
CA ILE B 142 -5.11 -14.10 5.68
C ILE B 142 -5.32 -14.51 4.22
N VAL B 143 -6.54 -14.31 3.71
CA VAL B 143 -6.84 -14.74 2.35
C VAL B 143 -6.16 -13.83 1.35
N GLU B 144 -6.42 -12.53 1.46
CA GLU B 144 -6.02 -11.57 0.45
C GLU B 144 -4.53 -11.29 0.48
N GLU B 145 -3.89 -11.43 1.65
CA GLU B 145 -2.50 -11.05 1.79
C GLU B 145 -1.60 -12.24 2.13
N LEU B 146 -1.80 -12.92 3.27
CA LEU B 146 -0.84 -13.93 3.70
C LEU B 146 -0.82 -15.14 2.77
N PHE B 147 -2.00 -15.63 2.37
CA PHE B 147 -2.05 -16.76 1.44
C PHE B 147 -1.38 -16.41 0.12
N GLU B 148 -1.58 -15.18 -0.35
CA GLU B 148 -0.95 -14.79 -1.60
C GLU B 148 0.56 -14.70 -1.44
N TYR B 149 0.99 -14.15 -0.30
CA TYR B 149 2.42 -14.11 -0.02
C TYR B 149 3.02 -15.50 0.02
N ALA B 150 2.31 -16.45 0.65
CA ALA B 150 2.80 -17.83 0.72
C ALA B 150 2.97 -18.43 -0.67
N GLY B 151 2.03 -18.17 -1.58
CA GLY B 151 2.22 -18.58 -2.95
C GLY B 151 3.43 -17.90 -3.59
N LYS B 152 3.72 -16.67 -3.21
CA LYS B 152 4.82 -15.97 -3.85
C LYS B 152 6.17 -16.55 -3.42
N TRP B 153 6.35 -16.85 -2.14
CA TRP B 153 7.65 -17.40 -1.76
C TRP B 153 7.77 -18.89 -2.12
N ARG B 154 6.65 -19.61 -2.18
CA ARG B 154 6.73 -20.99 -2.67
C ARG B 154 7.06 -21.03 -4.15
N ASN B 155 6.58 -20.05 -4.92
CA ASN B 155 7.02 -19.95 -6.30
C ASN B 155 8.51 -19.62 -6.34
N ILE B 156 8.96 -18.72 -5.48
CA ILE B 156 10.37 -18.34 -5.48
C ILE B 156 11.24 -19.55 -5.19
N ARG B 157 10.81 -20.42 -4.27
CA ARG B 157 11.60 -21.60 -3.93
C ARG B 157 11.77 -22.54 -5.12
N VAL B 158 10.82 -22.57 -6.06
CA VAL B 158 10.87 -23.56 -7.12
C VAL B 158 11.35 -22.91 -8.42
N GLN B 159 11.16 -21.59 -8.56
CA GLN B 159 11.51 -20.94 -9.83
C GLN B 159 12.08 -19.53 -9.67
N GLY B 160 12.39 -19.07 -8.46
CA GLY B 160 12.91 -17.73 -8.25
C GLY B 160 11.84 -16.69 -8.50
N PRO B 161 12.21 -15.40 -8.43
CA PRO B 161 13.58 -14.94 -8.17
C PRO B 161 13.87 -14.72 -6.69
N THR B 162 15.02 -15.19 -6.22
CA THR B 162 15.40 -14.91 -4.85
C THR B 162 15.64 -13.43 -4.60
N THR B 163 15.84 -12.65 -5.67
CA THR B 163 16.03 -11.20 -5.51
C THR B 163 14.77 -10.53 -4.95
N PHE B 164 13.63 -11.18 -5.06
CA PHE B 164 12.43 -10.63 -4.48
C PHE B 164 12.24 -11.08 -3.04
N LEU B 165 12.96 -12.11 -2.61
CA LEU B 165 12.73 -12.64 -1.27
C LEU B 165 12.93 -11.61 -0.16
N PRO B 166 13.97 -10.76 -0.17
CA PRO B 166 14.06 -9.76 0.91
C PRO B 166 12.87 -8.82 0.98
N SER B 167 12.40 -8.31 -0.17
CA SER B 167 11.23 -7.43 -0.17
C SER B 167 9.98 -8.15 0.32
N LEU B 168 9.75 -9.37 -0.16
CA LEU B 168 8.58 -10.13 0.27
C LEU B 168 8.63 -10.38 1.78
N THR B 169 9.82 -10.72 2.29
CA THR B 169 9.95 -11.00 3.71
C THR B 169 9.58 -9.77 4.53
N VAL B 170 9.95 -8.58 4.05
CA VAL B 170 9.53 -7.36 4.71
C VAL B 170 8.02 -7.23 4.70
N GLN B 171 7.39 -7.51 3.55
CA GLN B 171 5.95 -7.34 3.45
C GLN B 171 5.24 -8.31 4.37
N VAL B 172 5.73 -9.55 4.43
CA VAL B 172 5.11 -10.58 5.26
C VAL B 172 5.20 -10.20 6.73
N ALA B 173 6.36 -9.72 7.18
CA ALA B 173 6.50 -9.31 8.57
C ALA B 173 5.54 -8.17 8.89
N MET B 174 5.38 -7.23 7.94
CA MET B 174 4.44 -6.14 8.16
C MET B 174 3.01 -6.66 8.19
N ALA B 175 2.65 -7.56 7.27
CA ALA B 175 1.31 -8.14 7.32
C ALA B 175 1.09 -8.87 8.63
N GLY B 176 2.09 -9.62 9.08
CA GLY B 176 1.97 -10.27 10.38
C GLY B 176 1.75 -9.26 11.49
N ALA B 177 2.41 -8.09 11.39
CA ALA B 177 2.20 -7.06 12.40
C ALA B 177 0.79 -6.52 12.36
N MET B 178 0.25 -6.34 11.17
CA MET B 178 -1.13 -5.91 11.05
C MET B 178 -2.07 -6.92 11.68
N LEU B 179 -1.80 -8.20 11.46
CA LEU B 179 -2.59 -9.29 12.05
C LEU B 179 -2.61 -9.20 13.56
N ILE B 180 -1.43 -8.99 14.15
CA ILE B 180 -1.36 -8.87 15.61
C ILE B 180 -2.08 -7.61 16.07
N GLY B 181 -1.90 -6.50 15.35
CA GLY B 181 -2.59 -5.27 15.71
C GLY B 181 -4.10 -5.37 15.59
N LEU B 182 -4.59 -6.06 14.55
CA LEU B 182 -6.03 -6.24 14.43
C LEU B 182 -6.57 -7.10 15.57
N HIS B 183 -5.79 -8.12 15.97
CA HIS B 183 -6.20 -9.04 17.04
C HIS B 183 -6.32 -8.31 18.38
N HIS B 184 -5.35 -7.46 18.71
CA HIS B 184 -5.35 -6.68 19.95
C HIS B 184 -6.17 -5.39 19.83
N ARG B 185 -6.72 -5.12 18.65
CA ARG B 185 -7.40 -3.86 18.33
C ARG B 185 -6.65 -2.65 18.87
N ILE B 186 -5.34 -2.65 18.66
CA ILE B 186 -4.45 -1.55 19.02
C ILE B 186 -3.77 -1.05 17.75
N CYS B 187 -3.67 0.27 17.63
CA CYS B 187 -2.95 0.87 16.52
C CYS B 187 -1.51 1.05 16.93
N TYR B 188 -0.60 0.82 16.00
CA TYR B 188 0.79 1.09 16.29
C TYR B 188 1.02 2.60 16.39
N THR B 189 2.01 2.98 17.21
CA THR B 189 2.30 4.40 17.42
C THR B 189 2.71 5.07 16.13
N THR B 190 3.76 4.57 15.47
CA THR B 190 4.19 5.12 14.19
C THR B 190 4.65 3.98 13.28
N SER B 191 4.90 4.29 12.01
CA SER B 191 5.29 3.24 11.09
C SER B 191 6.64 2.64 11.48
N ALA B 192 7.57 3.47 11.95
CA ALA B 192 8.92 3.00 12.25
C ALA B 192 8.93 2.01 13.41
N SER B 193 7.95 2.10 14.29
CA SER B 193 7.87 1.24 15.47
C SER B 193 6.87 0.10 15.30
N VAL B 194 6.39 -0.14 14.07
CA VAL B 194 5.40 -1.20 13.86
C VAL B 194 5.97 -2.56 14.28
N LEU B 195 7.15 -2.91 13.76
CA LEU B 195 7.74 -4.22 14.03
C LEU B 195 8.22 -4.34 15.47
N THR B 196 8.85 -3.27 16.00
CA THR B 196 9.36 -3.33 17.37
C THR B 196 8.23 -3.45 18.37
N GLU B 197 7.07 -2.84 18.10
CA GLU B 197 5.91 -2.97 18.97
C GLU B 197 5.19 -4.29 18.76
N ALA B 198 5.23 -4.83 17.54
CA ALA B 198 4.54 -6.07 17.24
C ALA B 198 5.13 -7.24 18.00
N VAL B 199 6.46 -7.28 18.11
CA VAL B 199 7.10 -8.42 18.76
C VAL B 199 7.09 -8.31 20.28
N LYS B 200 6.65 -7.19 20.85
CA LYS B 200 6.43 -7.11 22.29
C LYS B 200 4.99 -7.40 22.66
N GLN B 201 4.12 -7.66 21.69
CA GLN B 201 2.74 -7.97 21.99
C GLN B 201 2.65 -9.41 22.47
N SER B 202 1.63 -9.66 23.28
CA SER B 202 1.34 -11.02 23.70
C SER B 202 0.73 -11.79 22.53
N ASP B 203 0.87 -13.11 22.57
CA ASP B 203 0.03 -13.95 21.73
C ASP B 203 0.49 -13.93 20.26
N LEU B 204 1.80 -13.96 20.06
CA LEU B 204 2.32 -13.93 18.70
C LEU B 204 2.08 -15.26 18.00
N PRO B 205 1.82 -15.23 16.70
CA PRO B 205 1.83 -16.48 15.94
C PRO B 205 3.21 -17.11 16.04
N SER B 206 3.22 -18.43 16.12
CA SER B 206 4.46 -19.19 16.11
C SER B 206 5.30 -18.76 14.90
N GLY B 207 6.60 -18.54 15.14
CA GLY B 207 7.52 -18.20 14.06
C GLY B 207 7.53 -16.74 13.66
N TYR B 208 6.65 -15.92 14.22
CA TYR B 208 6.60 -14.53 13.80
C TYR B 208 7.84 -13.76 14.27
N ASP B 209 8.18 -13.89 15.55
CA ASP B 209 9.30 -13.13 16.09
C ASP B 209 10.61 -13.50 15.41
N HIS B 210 10.80 -14.79 15.09
CA HIS B 210 12.02 -15.20 14.40
C HIS B 210 12.13 -14.55 13.03
N LEU B 211 11.01 -14.48 12.32
CA LEU B 211 10.96 -13.82 11.01
C LEU B 211 11.26 -12.34 11.14
N CYS B 212 10.72 -11.70 12.18
CA CYS B 212 10.93 -10.27 12.35
C CYS B 212 12.39 -9.93 12.62
N GLN B 213 13.15 -10.85 13.24
CA GLN B 213 14.53 -10.53 13.52
C GLN B 213 15.30 -10.35 12.23
N PHE B 214 14.96 -11.12 11.20
CA PHE B 214 15.57 -10.91 9.89
C PHE B 214 15.26 -9.53 9.35
N VAL B 215 14.01 -9.09 9.46
CA VAL B 215 13.63 -7.81 8.86
C VAL B 215 14.22 -6.66 9.68
N MET B 216 14.16 -6.77 11.01
CA MET B 216 14.63 -5.69 11.86
C MET B 216 16.16 -5.57 11.79
N SER B 217 16.84 -6.69 11.70
CA SER B 217 18.30 -6.63 11.61
C SER B 217 18.81 -6.37 10.20
N GLY B 218 18.00 -6.60 9.18
CA GLY B 218 18.45 -6.47 7.82
C GLY B 218 19.22 -7.65 7.26
N GLN B 219 19.33 -8.75 8.01
CA GLN B 219 20.05 -9.94 7.54
C GLN B 219 19.11 -10.74 6.65
N LEU B 220 18.97 -10.28 5.41
CA LEU B 220 17.98 -10.86 4.51
C LEU B 220 18.63 -11.49 3.29
N SER B 221 19.90 -11.85 3.40
CA SER B 221 20.62 -12.41 2.26
C SER B 221 20.61 -13.93 2.22
N ASP B 222 20.32 -14.59 3.35
CA ASP B 222 20.27 -16.06 3.42
C ASP B 222 18.86 -16.53 3.11
N SER B 223 18.64 -16.66 1.81
CA SER B 223 17.33 -16.90 1.25
C SER B 223 16.75 -18.27 1.65
N GLU B 224 17.59 -19.27 1.90
CA GLU B 224 17.09 -20.57 2.38
C GLU B 224 16.50 -20.46 3.79
N LYS B 225 17.16 -19.69 4.66
CA LYS B 225 16.71 -19.43 6.04
C LYS B 225 15.41 -18.66 6.04
N LEU B 226 15.33 -17.74 5.10
CA LEU B 226 14.17 -16.90 4.99
C LEU B 226 12.97 -17.73 4.54
N LEU B 227 13.15 -18.60 3.55
CA LEU B 227 12.04 -19.43 3.11
C LEU B 227 11.58 -20.35 4.22
N GLU B 228 12.52 -20.91 4.97
CA GLU B 228 12.15 -21.75 6.09
C GLU B 228 11.46 -20.92 7.18
N SER B 229 11.97 -19.71 7.41
CA SER B 229 11.35 -18.84 8.41
C SER B 229 9.93 -18.44 7.98
N LEU B 230 9.73 -18.19 6.68
CA LEU B 230 8.39 -17.88 6.18
C LEU B 230 7.44 -19.06 6.33
N GLU B 231 7.93 -20.28 6.04
CA GLU B 231 7.09 -21.47 6.18
C GLU B 231 6.68 -21.71 7.62
N ASN B 232 7.61 -21.54 8.56
CA ASN B 232 7.26 -21.75 9.96
C ASN B 232 6.24 -20.71 10.41
N PHE B 233 6.39 -19.46 9.95
CA PHE B 233 5.39 -18.45 10.27
C PHE B 233 4.05 -18.81 9.65
N TRP B 234 4.06 -19.22 8.39
CA TRP B 234 2.81 -19.61 7.75
C TRP B 234 2.16 -20.78 8.48
N ASN B 235 2.96 -21.76 8.91
CA ASN B 235 2.39 -22.87 9.68
C ASN B 235 1.80 -22.38 10.99
N GLY B 236 2.53 -21.54 11.70
CA GLY B 236 2.01 -21.01 12.96
C GLY B 236 0.73 -20.23 12.80
N ILE B 237 0.53 -19.63 11.62
CA ILE B 237 -0.69 -18.86 11.33
C ILE B 237 -1.93 -19.72 11.45
N GLN B 238 -1.91 -20.91 10.86
CA GLN B 238 -3.09 -21.76 10.94
C GLN B 238 -3.38 -22.17 12.39
N GLU B 239 -2.34 -22.46 13.15
CA GLU B 239 -2.57 -22.78 14.56
C GLU B 239 -3.10 -21.56 15.31
N TRP B 240 -2.53 -20.39 15.03
CA TRP B 240 -2.90 -19.17 15.73
C TRP B 240 -4.35 -18.78 15.45
N THR B 241 -4.76 -18.84 14.18
CA THR B 241 -6.13 -18.49 13.81
C THR B 241 -7.12 -19.46 14.42
N GLU B 242 -6.78 -20.75 14.46
CA GLU B 242 -7.71 -21.70 15.04
C GLU B 242 -7.81 -21.47 16.53
N ARG B 243 -6.70 -21.10 17.14
CA ARG B 243 -6.70 -20.81 18.56
C ARG B 243 -7.43 -19.52 18.90
N HIS B 244 -7.54 -18.58 17.97
CA HIS B 244 -8.26 -17.35 18.28
C HIS B 244 -9.61 -17.24 17.61
N GLY B 245 -10.04 -18.28 16.88
CA GLY B 245 -11.34 -18.28 16.27
C GLY B 245 -11.46 -17.44 15.01
N TYR B 246 -10.34 -17.05 14.41
CA TYR B 246 -10.34 -16.39 13.10
C TYR B 246 -10.31 -17.46 12.01
N ILE B 247 -11.44 -18.13 11.87
CA ILE B 247 -11.57 -19.25 10.95
C ILE B 247 -11.94 -18.69 9.59
N VAL B 248 -11.26 -19.17 8.55
CA VAL B 248 -11.49 -18.73 7.17
C VAL B 248 -12.35 -19.76 6.46
N ASP B 249 -13.35 -19.29 5.74
CA ASP B 249 -14.21 -20.14 4.92
C ASP B 249 -13.45 -20.75 3.73
N VAL B 250 -13.33 -22.07 3.70
CA VAL B 250 -12.73 -22.76 2.58
C VAL B 250 -13.69 -23.76 1.94
N SER B 251 -14.98 -23.66 2.26
CA SER B 251 -15.90 -24.73 1.87
C SER B 251 -16.42 -24.61 0.43
N LYS B 252 -16.53 -23.38 -0.10
CA LYS B 252 -17.09 -23.18 -1.44
C LYS B 252 -15.98 -23.10 -2.47
N ARG B 253 -16.11 -23.87 -3.57
CA ARG B 253 -15.19 -23.67 -4.68
C ARG B 253 -15.47 -22.35 -5.37
N ILE B 254 -16.74 -21.99 -5.50
CA ILE B 254 -17.17 -20.69 -6.02
C ILE B 254 -18.19 -20.14 -5.04
N PRO B 255 -17.86 -19.08 -4.29
CA PRO B 255 -18.75 -18.65 -3.21
C PRO B 255 -19.74 -17.59 -3.66
N PHE B 256 -20.06 -17.55 -4.94
CA PHE B 256 -21.12 -16.68 -5.40
C PHE B 256 -21.93 -17.37 -6.49
C1 NMY C . -4.90 -6.38 -6.16
O1 NMY C . -6.08 -6.70 -5.40
C2 NMY C . -4.90 -7.25 -7.36
N2 NMY C . -6.32 -7.20 -7.93
C3 NMY C . -4.53 -8.62 -7.03
O3 NMY C . -4.52 -9.42 -8.25
C4 NMY C . -3.17 -8.66 -6.43
O4 NMY C . -2.80 -10.00 -6.13
C5 NMY C . -3.10 -7.84 -5.13
O5 NMY C . -3.64 -6.45 -5.41
C6 NMY C . -1.73 -7.69 -4.73
C7 NMY C . -7.80 -5.61 -1.59
N7 NMY C . -7.56 -5.19 -0.20
C12 NMY C . -7.22 -4.53 -2.52
C11 NMY C . -6.99 -4.99 -3.97
O11 NMY C . -6.33 -3.98 -4.71
C10 NMY C . -6.15 -6.27 -4.03
C9 NMY C . -6.93 -7.35 -3.29
N9 NMY C . -6.21 -8.63 -3.37
C8 NMY C . -7.21 -7.01 -1.81
C13 NMY C . -7.23 -3.33 -5.51
C14 NMY C . -6.84 -2.08 -5.83
C15 NMY C . -7.60 -1.80 -7.11
C16 NMY C . -7.60 -3.22 -7.84
O16 NMY C . -7.38 -4.12 -6.93
C17 NMY C . -6.57 -3.33 -9.00
C21 NMY C . -11.88 -0.43 -9.41
C20 NMY C . -11.71 0.39 -8.17
C19 NMY C . -10.87 -0.26 -7.13
C18 NMY C . -9.54 -0.70 -7.67
O18 NMY C . -8.83 -1.45 -6.70
C22 NMY C . -10.54 -0.93 -10.02
O22 NMY C . -9.68 -1.54 -8.88
C23 NMY C . -10.78 -1.92 -11.01
N6 NMY C . -1.72 -7.33 -3.28
O14 NMY C . -7.40 -1.16 -4.82
O20 NMY C . -11.16 1.71 -8.53
O21 NMY C . -12.65 -1.58 -9.09
O17 NMY C . -6.72 -4.60 -9.65
O12 NMY C . -8.15 -3.46 -2.51
N19 NMY C . -10.92 -3.27 -10.47
N23 NMY C . -11.66 -1.45 -6.61
PG APC D . 2.21 -14.45 -9.78
O1G APC D . 0.83 -14.57 -9.16
O2G APC D . 3.26 -14.17 -8.70
O3G APC D . 2.45 -15.70 -10.55
PB APC D . 1.00 -12.10 -10.74
O1B APC D . -0.28 -12.81 -11.01
O2B APC D . 1.18 -10.96 -11.72
O3B APC D . 2.23 -13.18 -10.83
PA APC D . -0.58 -10.86 -8.42
O1A APC D . -0.35 -10.37 -7.01
O2A APC D . -1.62 -11.95 -8.52
C3A APC D . 1.10 -11.45 -8.99
O5' APC D . -1.06 -9.59 -9.38
C5' APC D . -1.94 -9.76 -10.46
C4' APC D . -1.94 -8.62 -11.27
O4' APC D . -2.42 -7.43 -10.52
C3' APC D . -0.43 -8.21 -11.69
O3' APC D . -0.07 -8.88 -12.97
C2' APC D . -0.40 -6.96 -11.77
O2' APC D . -0.74 -6.32 -13.05
C1' APC D . -1.51 -6.47 -10.64
N9 APC D . -0.79 -6.26 -9.43
C8 APC D . 0.35 -6.64 -8.81
N7 APC D . 0.37 -6.02 -7.61
C5 APC D . -0.75 -5.27 -7.53
C6 APC D . -1.22 -4.46 -6.53
N6 APC D . -0.53 -4.23 -5.27
N1 APC D . -2.38 -3.82 -6.68
C2 APC D . -3.10 -3.95 -7.84
N3 APC D . -2.65 -4.76 -8.82
C4 APC D . -1.48 -5.42 -8.65
CA CA E . -3.59 -12.16 -6.87
CA CA F . -1.73 -13.95 -9.62
C1 NMY G . -1.44 9.09 4.32
O1 NMY G . -1.46 10.15 3.38
C2 NMY G . -1.50 9.73 5.65
N2 NMY G . -2.69 10.69 5.63
C3 NMY G . -0.30 10.51 5.81
O3 NMY G . -0.42 11.38 6.98
C4 NMY G . 0.87 9.63 5.94
O4 NMY G . 2.02 10.42 6.19
C5 NMY G . 1.11 8.91 4.60
O5 NMY G . -0.21 8.31 4.12
C6 NMY G . 2.07 7.86 4.76
C7 NMY G . -2.00 10.20 -0.83
N7 NMY G . -1.82 9.73 -2.19
C12 NMY G . -2.63 9.03 -0.05
C11 NMY G . -2.76 9.36 1.46
O11 NMY G . -3.32 8.23 2.13
C10 NMY G . -1.37 9.70 2.03
C9 NMY G . -0.72 10.84 1.25
N9 NMY G . 0.63 11.05 1.78
C8 NMY G . -0.63 10.58 -0.27
C13 NMY G . -4.63 8.45 2.38
C14 NMY G . -5.25 7.29 2.62
C15 NMY G . -6.50 7.72 3.42
C16 NMY G . -5.91 8.90 4.31
O16 NMY G . -4.80 9.32 3.76
C17 NMY G . -5.67 8.36 5.74
C21 NMY G . -11.13 9.94 3.63
C20 NMY G . -11.10 8.92 2.55
C19 NMY G . -9.75 8.63 2.04
C18 NMY G . -8.76 8.32 3.13
O18 NMY G . -7.46 8.18 2.58
C22 NMY G . -10.18 9.57 4.81
O22 NMY G . -8.79 9.37 4.16
C23 NMY G . -10.09 10.63 5.72
N6 NMY G . 2.21 7.28 3.41
O14 NMY G . -5.62 6.69 1.32
O20 NMY G . -11.67 7.69 3.10
O21 NMY G . -10.65 11.16 3.08
O17 NMY G . -5.17 9.40 6.58
O12 NMY G . -3.89 8.72 -0.60
N19 NMY G . -8.92 11.43 5.40
N23 NMY G . -9.29 9.89 1.28
CA CA H . 2.93 12.45 6.74
PG APC I . 7.05 10.57 12.21
O1G APC I . 8.13 9.56 11.87
O2G APC I . 7.50 11.63 13.16
O3G APC I . 6.64 11.30 10.97
PB APC I . 4.31 9.86 12.01
O1B APC I . 3.85 11.30 11.95
O2B APC I . 3.35 9.05 12.84
O3B APC I . 5.75 9.77 12.82
PA APC I . 3.41 9.71 9.02
O1A APC I . 3.72 8.99 7.73
O2A APC I . 3.55 11.20 8.72
C3A APC I . 4.60 9.10 10.32
O5' APC I . 1.87 9.32 9.46
C5' APC I . 0.98 10.18 10.14
C4' APC I . -0.08 9.35 10.57
O4' APC I . -0.90 8.75 9.45
C3' APC I . 0.46 8.00 11.27
O3' APC I . 0.90 8.33 12.66
C2' APC I . -0.49 7.19 11.19
O2' APC I . -1.58 7.48 12.13
C1' APC I . -1.11 7.48 9.69
N9 APC I . -0.32 6.69 8.80
C8 APC I . 0.92 6.16 8.70
N7 APC I . 0.99 5.52 7.52
C5 APC I . -0.21 5.68 6.94
C6 APC I . -0.66 5.23 5.73
N6 APC I . 0.16 4.44 4.83
N1 APC I . -1.90 5.52 5.32
C2 APC I . -2.71 6.27 6.12
N3 APC I . -2.27 6.72 7.32
C4 APC I . -1.02 6.41 7.71
CA CA J . 4.03 12.90 10.19
#